data_4W93
#
_entry.id   4W93
#
_cell.length_a   52.370
_cell.length_b   74.100
_cell.length_c   135.880
_cell.angle_alpha   90.00
_cell.angle_beta   90.00
_cell.angle_gamma   90.00
#
_symmetry.space_group_name_H-M   'P 21 21 21'
#
loop_
_entity.id
_entity.type
_entity.pdbx_description
1 polymer 'Pancreatic alpha-amylase'
2 non-polymer 'CALCIUM ION'
3 non-polymer 'CHLORIDE ION'
4 non-polymer 'Montbretin A'
5 water water
#
_entity_poly.entity_id   1
_entity_poly.type   'polypeptide(L)'
_entity_poly.pdbx_seq_one_letter_code
;(PCA)YSPNTQQGRTSIVHLFEWRWVDIALECERYLAPKGFGGVQVSPPNENVAIYNPFRPWWERYQPVSYKLCTRSGNE
DEFRNMVTRCNNVGVRIYVDAVINHMCGNAVSAGTSSTCGSYFNPGSRDFPAVPYSGWDFNDGKCKTGSGDIENYNDATQ
VRDCRLTGLLDLALEKDYVRSKIAEYMNHLIDIGVAGFRLDASKHMWPGDIKAILDKLHNLNSNWFPAGSKPFIYQEVID
LGGEPIKSSDYFGNGRVTEFKYGAKLGTVIRKWNGEKMSYLKNWGEGWGFVPSDRALVFVDNHDNQRGHGAGGASILTFW
DARLYKMAVGFMLAHPYGFTRVMSSYRWPRQFQNGNDVNDWVGPPNNNGVIKEVTINPDTTCGNDWVCEHRWRQIRNMVI
FRNVVDGQPFTNWYDNGSNQVAFGRGNRGFIVFNNDDWSFSLTLQTGLPAGTYCDVISGDKINGNCTGIKIYVSDDGKAH
FSISNSAEDPFIAIHAESKL
;
_entity_poly.pdbx_strand_id   A
#
loop_
_chem_comp.id
_chem_comp.type
_chem_comp.name
_chem_comp.formula
3L9 non-polymer 'Montbretin A' 'C53 H64 O33'
CA non-polymer 'CALCIUM ION' 'Ca 2'
CL non-polymer 'CHLORIDE ION' 'Cl -1'
#
# COMPACT_ATOMS: atom_id res chain seq x y z
N PCA A 1 -7.59 12.76 10.96
CA PCA A 1 -6.93 12.24 9.75
CB PCA A 1 -5.95 13.31 9.26
CG PCA A 1 -5.60 14.17 10.45
CD PCA A 1 -6.78 13.90 11.35
OE PCA A 1 -7.01 14.61 12.34
C PCA A 1 -6.14 10.95 9.96
O PCA A 1 -5.62 10.38 9.01
N TYR A 2 -6.00 10.52 11.22
CA TYR A 2 -5.12 9.40 11.56
C TYR A 2 -5.83 8.04 11.61
N SER A 3 -7.15 8.07 11.68
CA SER A 3 -7.96 6.86 11.75
C SER A 3 -8.32 6.38 10.36
N PRO A 4 -8.16 5.08 10.10
CA PRO A 4 -8.50 4.60 8.76
C PRO A 4 -10.00 4.60 8.43
N ASN A 5 -10.87 4.72 9.42
CA ASN A 5 -12.33 4.70 9.19
C ASN A 5 -12.82 3.38 8.63
N THR A 6 -12.07 2.31 8.89
CA THR A 6 -12.52 0.95 8.53
C THR A 6 -13.63 0.50 9.47
N GLN A 7 -14.40 -0.49 9.05
CA GLN A 7 -15.30 -1.20 9.96
C GLN A 7 -14.52 -1.75 11.14
N GLN A 8 -15.12 -1.74 12.32
CA GLN A 8 -14.49 -2.34 13.50
C GLN A 8 -14.13 -3.79 13.24
N GLY A 9 -12.89 -4.16 13.57
CA GLY A 9 -12.42 -5.51 13.34
C GLY A 9 -11.84 -5.75 11.96
N ARG A 10 -11.59 -4.67 11.22
CA ARG A 10 -10.89 -4.78 9.93
C ARG A 10 -9.65 -3.87 9.94
N THR A 11 -8.48 -4.51 9.90
CA THR A 11 -7.21 -3.86 10.19
C THR A 11 -6.21 -3.62 9.05
N SER A 12 -6.56 -3.98 7.81
CA SER A 12 -5.66 -3.79 6.68
C SER A 12 -6.35 -3.17 5.48
N ILE A 13 -5.55 -2.58 4.59
CA ILE A 13 -6.03 -2.27 3.26
C ILE A 13 -5.18 -2.99 2.21
N VAL A 14 -5.75 -3.15 1.03
CA VAL A 14 -5.03 -3.79 -0.08
C VAL A 14 -4.93 -2.81 -1.25
N HIS A 15 -3.75 -2.72 -1.86
CA HIS A 15 -3.62 -1.91 -3.07
C HIS A 15 -3.98 -2.77 -4.27
N LEU A 16 -5.12 -2.47 -4.91
CA LEU A 16 -5.47 -3.25 -6.09
C LEU A 16 -4.98 -2.37 -7.23
N PHE A 17 -3.72 -2.61 -7.58
CA PHE A 17 -2.93 -1.73 -8.42
C PHE A 17 -3.39 -1.91 -9.87
N GLU A 18 -3.87 -0.81 -10.47
CA GLU A 18 -4.29 -0.75 -11.88
C GLU A 18 -5.58 -1.52 -12.15
N TRP A 19 -6.25 -2.03 -11.12
CA TRP A 19 -7.53 -2.70 -11.33
C TRP A 19 -8.63 -1.76 -11.87
N ARG A 20 -9.53 -2.33 -12.67
CA ARG A 20 -10.72 -1.61 -13.13
C ARG A 20 -11.76 -1.50 -12.01
N TRP A 21 -12.51 -0.40 -12.02
CA TRP A 21 -13.53 -0.17 -10.98
C TRP A 21 -14.55 -1.31 -10.94
N VAL A 22 -14.99 -1.84 -12.07
CA VAL A 22 -15.98 -2.89 -11.98
C VAL A 22 -15.42 -4.17 -11.33
N ASP A 23 -14.12 -4.42 -11.50
CA ASP A 23 -13.49 -5.58 -10.88
C ASP A 23 -13.29 -5.39 -9.38
N ILE A 24 -13.00 -4.16 -8.99
CA ILE A 24 -12.87 -3.86 -7.57
C ILE A 24 -14.23 -3.96 -6.87
N ALA A 25 -15.29 -3.48 -7.51
CA ALA A 25 -16.63 -3.58 -6.94
C ALA A 25 -16.99 -5.05 -6.68
N LEU A 26 -16.78 -5.89 -7.68
CA LEU A 26 -17.01 -7.33 -7.52
C LEU A 26 -16.14 -7.93 -6.42
N GLU A 27 -14.87 -7.51 -6.39
CA GLU A 27 -13.91 -8.05 -5.43
C GLU A 27 -14.34 -7.72 -3.99
N CYS A 28 -14.83 -6.51 -3.78
CA CYS A 28 -15.35 -6.13 -2.46
C CYS A 28 -16.41 -7.13 -1.97
N GLU A 29 -17.34 -7.42 -2.85
CA GLU A 29 -18.48 -8.25 -2.52
C GLU A 29 -18.11 -9.73 -2.38
N ARG A 30 -17.30 -10.25 -3.29
CA ARG A 30 -17.10 -11.69 -3.35
C ARG A 30 -15.91 -12.16 -2.51
N TYR A 31 -15.04 -11.23 -2.10
CA TYR A 31 -13.82 -11.63 -1.41
C TYR A 31 -13.48 -10.75 -0.21
N LEU A 32 -13.27 -9.45 -0.48
CA LEU A 32 -12.72 -8.57 0.55
C LEU A 32 -13.64 -8.48 1.77
N ALA A 33 -14.95 -8.39 1.56
CA ALA A 33 -15.85 -8.33 2.71
C ALA A 33 -15.86 -9.65 3.51
N PRO A 34 -16.11 -10.80 2.85
CA PRO A 34 -16.14 -12.02 3.68
C PRO A 34 -14.79 -12.38 4.30
N LYS A 35 -13.68 -11.95 3.70
CA LYS A 35 -12.36 -12.30 4.22
C LYS A 35 -11.78 -11.23 5.16
N GLY A 36 -12.58 -10.22 5.49
CA GLY A 36 -12.22 -9.28 6.55
C GLY A 36 -11.23 -8.20 6.20
N PHE A 37 -11.11 -7.88 4.91
CA PHE A 37 -10.26 -6.78 4.47
C PHE A 37 -10.91 -5.45 4.83
N GLY A 38 -10.11 -4.47 5.25
CA GLY A 38 -10.66 -3.19 5.65
C GLY A 38 -10.95 -2.23 4.50
N GLY A 39 -10.16 -2.31 3.44
CA GLY A 39 -10.34 -1.37 2.35
C GLY A 39 -9.37 -1.55 1.22
N VAL A 40 -9.50 -0.67 0.23
CA VAL A 40 -8.78 -0.76 -1.03
C VAL A 40 -8.18 0.58 -1.37
N GLN A 41 -6.87 0.60 -1.60
CA GLN A 41 -6.26 1.73 -2.26
C GLN A 41 -6.42 1.56 -3.77
N VAL A 42 -7.06 2.53 -4.41
CA VAL A 42 -7.29 2.50 -5.85
C VAL A 42 -6.24 3.32 -6.56
N SER A 43 -5.95 2.96 -7.80
CA SER A 43 -5.09 3.80 -8.63
C SER A 43 -5.75 5.16 -8.85
N PRO A 44 -4.96 6.17 -9.25
CA PRO A 44 -5.53 7.51 -9.40
C PRO A 44 -6.77 7.50 -10.30
N PRO A 45 -7.92 7.97 -9.79
CA PRO A 45 -9.19 7.96 -10.51
C PRO A 45 -9.38 9.11 -11.50
N ASN A 46 -8.47 10.07 -11.47
CA ASN A 46 -8.58 11.26 -12.32
C ASN A 46 -7.84 11.10 -13.65
N GLU A 47 -8.37 11.77 -14.67
CA GLU A 47 -7.82 11.74 -16.02
C GLU A 47 -6.33 12.05 -16.09
N ASN A 48 -5.62 11.21 -16.83
CA ASN A 48 -4.17 11.32 -16.96
C ASN A 48 -3.73 11.36 -18.42
N VAL A 49 -2.47 11.68 -18.65
CA VAL A 49 -1.89 11.61 -19.98
C VAL A 49 -1.89 10.18 -20.50
N ALA A 50 -2.33 10.00 -21.75
CA ALA A 50 -2.16 8.72 -22.40
C ALA A 50 -0.81 8.76 -23.07
N ILE A 51 0.11 7.96 -22.54
CA ILE A 51 1.49 7.93 -23.00
C ILE A 51 1.67 6.71 -23.89
N TYR A 52 1.97 6.94 -25.16
CA TYR A 52 2.14 5.84 -26.11
C TYR A 52 3.58 5.41 -26.38
N ASN A 53 4.55 6.22 -25.98
CA ASN A 53 5.93 5.73 -25.91
C ASN A 53 6.59 5.86 -24.54
N PRO A 54 6.81 4.75 -23.84
CA PRO A 54 6.46 3.36 -24.15
C PRO A 54 4.94 3.17 -24.10
N PHE A 55 4.44 1.97 -24.34
CA PHE A 55 3.02 1.84 -24.59
C PHE A 55 2.20 1.70 -23.30
N ARG A 56 1.53 2.79 -22.92
CA ARG A 56 0.66 2.84 -21.75
C ARG A 56 1.31 2.34 -20.45
N PRO A 57 2.41 3.00 -20.03
CA PRO A 57 3.11 2.59 -18.81
C PRO A 57 2.26 2.81 -17.57
N TRP A 58 2.51 2.04 -16.52
CA TRP A 58 1.78 2.26 -15.29
C TRP A 58 1.94 3.70 -14.82
N TRP A 59 3.11 4.30 -15.04
CA TRP A 59 3.35 5.61 -14.45
C TRP A 59 2.67 6.76 -15.18
N GLU A 60 2.02 6.48 -16.32
CA GLU A 60 1.24 7.56 -16.95
C GLU A 60 0.11 8.06 -16.04
N ARG A 61 -0.35 7.22 -15.10
CA ARG A 61 -1.46 7.61 -14.23
C ARG A 61 -1.04 8.62 -13.18
N TYR A 62 0.26 8.85 -13.05
CA TYR A 62 0.79 9.85 -12.12
C TYR A 62 1.07 11.20 -12.81
N GLN A 63 0.57 11.32 -14.05
CA GLN A 63 0.63 12.60 -14.79
C GLN A 63 -0.76 13.12 -15.17
N PRO A 64 -1.40 13.86 -14.23
CA PRO A 64 -2.78 14.36 -14.44
C PRO A 64 -2.97 15.32 -15.63
N VAL A 65 -4.04 15.11 -16.39
CA VAL A 65 -4.59 16.09 -17.33
C VAL A 65 -5.75 16.95 -16.76
N SER A 66 -6.57 16.32 -15.91
CA SER A 66 -7.71 16.99 -15.30
C SER A 66 -8.19 16.20 -14.09
N TYR A 67 -9.24 16.69 -13.46
CA TYR A 67 -9.87 16.00 -12.33
C TYR A 67 -11.15 15.24 -12.69
N LYS A 68 -11.46 15.12 -13.99
CA LYS A 68 -12.53 14.24 -14.43
C LYS A 68 -12.25 12.81 -13.98
N LEU A 69 -13.27 12.06 -13.58
CA LEU A 69 -12.98 10.73 -13.10
C LEU A 69 -13.17 9.81 -14.27
N CYS A 70 -12.10 9.80 -15.05
CA CYS A 70 -12.17 9.19 -16.35
C CYS A 70 -10.79 8.61 -16.67
N THR A 71 -10.66 7.29 -16.57
CA THR A 71 -9.36 6.63 -16.64
C THR A 71 -9.49 5.27 -17.30
N ARG A 72 -8.37 4.57 -17.46
CA ARG A 72 -8.42 3.21 -17.96
C ARG A 72 -9.10 2.27 -16.97
N SER A 73 -9.23 2.68 -15.70
CA SER A 73 -9.99 1.88 -14.76
C SER A 73 -11.51 2.02 -14.91
N GLY A 74 -11.96 3.11 -15.54
CA GLY A 74 -13.39 3.31 -15.69
C GLY A 74 -13.78 4.77 -15.69
N ASN A 75 -15.06 5.03 -15.89
CA ASN A 75 -15.59 6.38 -15.87
C ASN A 75 -16.19 6.73 -14.51
N GLU A 76 -16.80 7.90 -14.37
CA GLU A 76 -17.32 8.33 -13.09
C GLU A 76 -18.46 7.42 -12.62
N ASP A 77 -19.32 6.97 -13.54
CA ASP A 77 -20.42 6.09 -13.16
C ASP A 77 -19.88 4.81 -12.52
N GLU A 78 -18.88 4.21 -13.16
CA GLU A 78 -18.28 2.99 -12.64
C GLU A 78 -17.53 3.25 -11.32
N PHE A 79 -16.88 4.40 -11.21
CA PHE A 79 -16.21 4.72 -9.96
C PHE A 79 -17.22 4.85 -8.81
N ARG A 80 -18.29 5.59 -9.06
CA ARG A 80 -19.33 5.81 -8.04
C ARG A 80 -19.95 4.47 -7.63
N ASN A 81 -20.20 3.63 -8.63
CA ASN A 81 -20.79 2.32 -8.40
C ASN A 81 -19.91 1.45 -7.50
N MET A 82 -18.62 1.47 -7.79
CA MET A 82 -17.65 0.74 -6.98
C MET A 82 -17.64 1.21 -5.53
N VAL A 83 -17.58 2.53 -5.33
CA VAL A 83 -17.49 3.05 -3.96
C VAL A 83 -18.78 2.72 -3.20
N THR A 84 -19.92 2.81 -3.86
CA THR A 84 -21.18 2.47 -3.22
C THR A 84 -21.23 1.00 -2.82
N ARG A 85 -20.91 0.11 -3.77
CA ARG A 85 -21.02 -1.32 -3.51
C ARG A 85 -20.02 -1.77 -2.47
N CYS A 86 -18.84 -1.16 -2.47
CA CYS A 86 -17.82 -1.53 -1.51
C CYS A 86 -18.24 -1.07 -0.10
N ASN A 87 -18.67 0.18 0.03
CA ASN A 87 -19.10 0.69 1.32
C ASN A 87 -20.28 -0.11 1.86
N ASN A 88 -21.17 -0.55 0.97
CA ASN A 88 -22.36 -1.29 1.41
C ASN A 88 -22.02 -2.66 2.00
N VAL A 89 -20.87 -3.23 1.66
CA VAL A 89 -20.39 -4.45 2.31
C VAL A 89 -19.28 -4.19 3.37
N GLY A 90 -19.06 -2.92 3.70
CA GLY A 90 -18.15 -2.57 4.79
C GLY A 90 -16.67 -2.56 4.42
N VAL A 91 -16.38 -2.33 3.15
CA VAL A 91 -15.03 -2.26 2.62
C VAL A 91 -14.78 -0.86 2.05
N ARG A 92 -13.80 -0.16 2.61
CA ARG A 92 -13.55 1.23 2.26
C ARG A 92 -12.70 1.45 1.00
N ILE A 93 -12.81 2.64 0.44
CA ILE A 93 -12.02 3.04 -0.72
C ILE A 93 -11.15 4.22 -0.35
N TYR A 94 -9.86 4.10 -0.65
CA TYR A 94 -8.88 5.15 -0.46
C TYR A 94 -8.32 5.54 -1.81
N VAL A 95 -8.35 6.84 -2.11
CA VAL A 95 -7.90 7.32 -3.41
C VAL A 95 -6.47 7.79 -3.41
N ASP A 96 -5.76 7.41 -4.46
CA ASP A 96 -4.42 7.88 -4.70
C ASP A 96 -4.59 9.24 -5.35
N ALA A 97 -4.31 10.27 -4.55
CA ALA A 97 -4.53 11.67 -4.92
C ALA A 97 -3.24 12.24 -5.48
N VAL A 98 -3.21 12.54 -6.79
CA VAL A 98 -1.98 13.07 -7.38
C VAL A 98 -2.20 14.58 -7.52
N ILE A 99 -1.72 15.29 -6.51
CA ILE A 99 -2.00 16.72 -6.37
C ILE A 99 -0.80 17.66 -6.38
N ASN A 100 0.42 17.12 -6.44
CA ASN A 100 1.62 17.95 -6.44
C ASN A 100 1.86 18.57 -7.81
N HIS A 101 1.40 17.87 -8.84
CA HIS A 101 1.79 18.20 -10.21
C HIS A 101 0.72 17.82 -11.23
N MET A 102 0.87 18.39 -12.41
CA MET A 102 0.21 17.93 -13.63
C MET A 102 1.25 17.07 -14.35
N CYS A 103 1.16 16.94 -15.66
CA CYS A 103 2.08 16.06 -16.40
C CYS A 103 3.48 16.63 -16.68
N GLY A 104 4.32 15.81 -17.32
CA GLY A 104 5.63 16.23 -17.76
C GLY A 104 5.64 17.48 -18.64
N ASN A 105 6.57 18.39 -18.37
CA ASN A 105 6.63 19.65 -19.09
C ASN A 105 6.94 19.45 -20.58
N ALA A 106 7.53 18.31 -20.91
CA ALA A 106 7.91 18.02 -22.30
C ALA A 106 6.88 17.19 -23.07
N VAL A 107 5.76 16.84 -22.44
CA VAL A 107 4.71 16.07 -23.12
C VAL A 107 4.07 16.91 -24.23
N SER A 108 3.83 16.29 -25.38
CA SER A 108 3.24 16.99 -26.52
C SER A 108 1.81 17.43 -26.24
N ALA A 109 1.48 18.63 -26.71
CA ALA A 109 0.13 19.16 -26.56
C ALA A 109 -0.83 18.38 -27.43
N GLY A 110 -2.10 18.34 -27.02
CA GLY A 110 -3.11 17.62 -27.75
C GLY A 110 -4.18 17.02 -26.85
N THR A 111 -4.88 16.04 -27.39
CA THR A 111 -5.91 15.28 -26.69
C THR A 111 -5.47 13.89 -26.26
N SER A 112 -4.17 13.61 -26.18
CA SER A 112 -3.81 12.26 -25.81
C SER A 112 -3.89 12.16 -24.29
N SER A 113 -5.07 11.75 -23.85
CA SER A 113 -5.50 11.82 -22.46
C SER A 113 -6.62 10.80 -22.29
N THR A 114 -6.84 10.34 -21.06
CA THR A 114 -7.72 9.19 -20.92
C THR A 114 -9.21 9.55 -21.07
N CYS A 115 -9.57 10.82 -20.92
CA CYS A 115 -10.93 11.29 -21.25
C CYS A 115 -10.99 12.15 -22.53
N GLY A 116 -9.87 12.34 -23.20
CA GLY A 116 -9.85 13.16 -24.40
C GLY A 116 -9.79 14.67 -24.16
N SER A 117 -9.57 15.07 -22.92
CA SER A 117 -9.40 16.50 -22.61
C SER A 117 -8.18 17.11 -23.30
N TYR A 118 -8.31 18.34 -23.79
CA TYR A 118 -7.19 19.03 -24.37
C TYR A 118 -6.25 19.50 -23.26
N PHE A 119 -4.95 19.48 -23.54
CA PHE A 119 -3.97 20.07 -22.63
C PHE A 119 -2.71 20.48 -23.40
N ASN A 120 -2.00 21.47 -22.88
CA ASN A 120 -0.77 21.97 -23.52
C ASN A 120 0.33 22.25 -22.48
N PRO A 121 1.16 21.24 -22.18
CA PRO A 121 2.19 21.41 -21.15
C PRO A 121 3.15 22.59 -21.39
N GLY A 122 3.59 22.78 -22.63
CA GLY A 122 4.49 23.87 -22.96
C GLY A 122 3.96 25.26 -22.61
N SER A 123 2.65 25.45 -22.83
CA SER A 123 1.99 26.71 -22.49
C SER A 123 1.31 26.66 -21.13
N ARG A 124 1.50 25.56 -20.40
CA ARG A 124 0.98 25.39 -19.04
C ARG A 124 -0.55 25.47 -19.00
N ASP A 125 -1.18 24.99 -20.06
CA ASP A 125 -2.60 25.15 -20.25
C ASP A 125 -3.38 23.84 -20.07
N PHE A 126 -4.17 23.75 -19.00
CA PHE A 126 -5.00 22.58 -18.72
C PHE A 126 -6.46 23.03 -18.56
N PRO A 127 -7.14 23.30 -19.67
CA PRO A 127 -8.45 23.96 -19.67
C PRO A 127 -9.56 23.14 -19.01
N ALA A 128 -9.37 21.83 -18.88
CA ALA A 128 -10.40 21.00 -18.28
C ALA A 128 -10.48 21.18 -16.76
N VAL A 129 -9.43 21.74 -16.16
CA VAL A 129 -9.49 22.02 -14.72
C VAL A 129 -10.30 23.29 -14.35
N PRO A 130 -9.96 24.47 -14.92
CA PRO A 130 -8.81 24.96 -15.70
C PRO A 130 -7.58 25.35 -14.85
N TYR A 131 -6.39 25.09 -15.40
CA TYR A 131 -5.15 25.66 -14.89
C TYR A 131 -4.48 26.43 -16.02
N SER A 132 -3.68 27.42 -15.66
CA SER A 132 -2.88 28.16 -16.63
C SER A 132 -1.49 28.40 -16.06
N GLY A 133 -0.65 29.14 -16.79
CA GLY A 133 0.72 29.39 -16.37
C GLY A 133 0.84 30.03 -15.00
N TRP A 134 -0.20 30.77 -14.59
CA TRP A 134 -0.23 31.42 -13.29
C TRP A 134 -0.30 30.42 -12.14
N ASP A 135 -0.66 29.18 -12.46
CA ASP A 135 -0.93 28.16 -11.45
C ASP A 135 0.24 27.21 -11.19
N PHE A 136 1.40 27.47 -11.79
CA PHE A 136 2.57 26.62 -11.64
C PHE A 136 3.74 27.38 -11.05
N ASN A 137 4.74 26.62 -10.61
CA ASN A 137 5.88 27.15 -9.85
C ASN A 137 7.07 27.62 -10.69
N ASP A 138 6.87 27.75 -12.01
CA ASP A 138 7.92 28.21 -12.93
C ASP A 138 8.74 29.39 -12.38
N GLY A 139 8.05 30.39 -11.85
CA GLY A 139 8.74 31.57 -11.36
C GLY A 139 9.42 31.36 -10.02
N LYS A 140 8.83 30.49 -9.21
CA LYS A 140 9.23 30.29 -7.82
C LYS A 140 10.50 29.43 -7.68
N CYS A 141 10.61 28.41 -8.53
CA CYS A 141 11.76 27.50 -8.52
C CYS A 141 13.06 28.23 -8.87
N LYS A 142 14.08 28.06 -8.03
CA LYS A 142 15.34 28.76 -8.21
C LYS A 142 16.48 27.96 -8.86
N THR A 143 16.24 26.70 -9.20
CA THR A 143 17.31 25.89 -9.83
C THR A 143 17.50 26.19 -11.30
N GLY A 144 18.70 25.91 -11.81
CA GLY A 144 19.04 26.15 -13.20
C GLY A 144 18.18 25.40 -14.20
N SER A 145 17.93 24.12 -13.93
CA SER A 145 17.11 23.29 -14.82
C SER A 145 15.61 23.53 -14.67
N GLY A 146 15.20 24.00 -13.49
CA GLY A 146 13.79 24.13 -13.17
C GLY A 146 13.27 22.86 -12.54
N ASP A 147 14.16 21.89 -12.38
CA ASP A 147 13.82 20.58 -11.82
C ASP A 147 14.55 20.43 -10.50
N ILE A 148 14.11 19.47 -9.68
CA ILE A 148 14.78 19.21 -8.41
C ILE A 148 16.17 18.62 -8.68
N GLU A 149 17.22 19.33 -8.27
CA GLU A 149 18.57 18.79 -8.36
C GLU A 149 19.23 18.36 -7.05
N ASN A 150 18.73 18.90 -5.95
CA ASN A 150 19.44 18.75 -4.68
C ASN A 150 18.49 18.54 -3.52
N TYR A 151 18.58 17.38 -2.87
CA TYR A 151 17.67 17.08 -1.78
C TYR A 151 18.14 17.69 -0.46
N ASN A 152 19.30 18.32 -0.47
CA ASN A 152 19.79 19.06 0.69
C ASN A 152 19.12 20.42 0.82
N ASP A 153 18.49 20.86 -0.27
CA ASP A 153 17.72 22.11 -0.27
C ASP A 153 16.24 21.76 -0.19
N ALA A 154 15.66 21.98 0.99
CA ALA A 154 14.27 21.60 1.22
C ALA A 154 13.32 22.43 0.36
N THR A 155 13.74 23.64 0.03
CA THR A 155 12.88 24.56 -0.71
C THR A 155 12.70 24.10 -2.15
N GLN A 156 13.78 23.74 -2.82
CA GLN A 156 13.68 23.33 -4.22
C GLN A 156 12.97 21.98 -4.36
N VAL A 157 13.05 21.14 -3.33
CA VAL A 157 12.37 19.84 -3.36
C VAL A 157 10.85 20.06 -3.44
N ARG A 158 10.41 21.14 -2.81
CA ARG A 158 9.02 21.56 -2.82
C ARG A 158 8.62 22.42 -4.03
N ASP A 159 9.51 23.33 -4.46
CA ASP A 159 9.15 24.34 -5.44
C ASP A 159 9.54 24.05 -6.89
N CYS A 160 10.26 22.96 -7.13
CA CYS A 160 10.80 22.68 -8.45
C CYS A 160 10.22 21.39 -8.96
N ARG A 161 10.35 21.15 -10.26
CA ARG A 161 9.71 20.01 -10.89
C ARG A 161 10.37 18.69 -10.54
N LEU A 162 9.59 17.75 -10.01
CA LEU A 162 10.08 16.40 -9.81
C LEU A 162 10.16 15.72 -11.16
N THR A 163 11.38 15.34 -11.55
CA THR A 163 11.68 14.75 -12.87
C THR A 163 10.92 15.46 -14.01
N GLY A 164 10.81 16.79 -13.90
CA GLY A 164 10.22 17.62 -14.94
C GLY A 164 8.69 17.71 -14.97
N LEU A 165 8.04 17.14 -13.97
CA LEU A 165 6.59 17.24 -13.84
C LEU A 165 6.17 18.66 -13.46
N LEU A 166 5.23 19.23 -14.22
CA LEU A 166 4.79 20.60 -13.97
C LEU A 166 4.28 20.72 -12.54
N ASP A 167 4.89 21.64 -11.79
CA ASP A 167 4.71 21.69 -10.35
C ASP A 167 3.68 22.76 -9.96
N LEU A 168 2.54 22.32 -9.44
CA LEU A 168 1.45 23.22 -9.12
C LEU A 168 1.80 24.19 -7.99
N ALA A 169 1.28 25.42 -8.07
CA ALA A 169 1.59 26.38 -7.02
C ALA A 169 0.55 26.20 -5.95
N LEU A 170 0.93 25.46 -4.92
CA LEU A 170 -0.04 24.99 -3.95
C LEU A 170 -0.24 26.01 -2.84
N GLU A 171 0.47 27.12 -2.93
CA GLU A 171 0.28 28.25 -2.01
C GLU A 171 -0.97 29.05 -2.40
N LYS A 172 -1.39 28.94 -3.68
CA LYS A 172 -2.48 29.75 -4.21
C LYS A 172 -3.83 29.18 -3.80
N ASP A 173 -4.71 30.03 -3.27
CA ASP A 173 -6.02 29.57 -2.86
C ASP A 173 -6.83 29.03 -4.04
N TYR A 174 -6.58 29.55 -5.25
CA TYR A 174 -7.27 29.04 -6.43
C TYR A 174 -6.91 27.58 -6.64
N VAL A 175 -5.61 27.29 -6.59
CA VAL A 175 -5.13 25.93 -6.83
C VAL A 175 -5.56 25.00 -5.70
N ARG A 176 -5.43 25.46 -4.46
CA ARG A 176 -5.90 24.71 -3.31
C ARG A 176 -7.38 24.37 -3.44
N SER A 177 -8.16 25.33 -3.92
CA SER A 177 -9.61 25.14 -4.04
C SER A 177 -9.98 24.16 -5.16
N LYS A 178 -9.23 24.18 -6.26
CA LYS A 178 -9.51 23.25 -7.36
C LYS A 178 -9.21 21.82 -6.92
N ILE A 179 -8.14 21.65 -6.15
CA ILE A 179 -7.79 20.34 -5.62
C ILE A 179 -8.84 19.88 -4.62
N ALA A 180 -9.25 20.78 -3.73
CA ALA A 180 -10.29 20.46 -2.75
C ALA A 180 -11.61 20.10 -3.41
N GLU A 181 -11.91 20.76 -4.52
CA GLU A 181 -13.11 20.46 -5.28
C GLU A 181 -13.12 19.01 -5.75
N TYR A 182 -11.98 18.57 -6.27
CA TYR A 182 -11.76 17.21 -6.69
C TYR A 182 -11.89 16.23 -5.52
N MET A 183 -11.18 16.52 -4.44
CA MET A 183 -11.21 15.66 -3.27
C MET A 183 -12.59 15.58 -2.62
N ASN A 184 -13.32 16.70 -2.59
CA ASN A 184 -14.67 16.72 -2.03
C ASN A 184 -15.67 15.97 -2.90
N HIS A 185 -15.48 16.02 -4.21
CA HIS A 185 -16.23 15.17 -5.13
C HIS A 185 -16.09 13.71 -4.69
N LEU A 186 -14.84 13.29 -4.44
CA LEU A 186 -14.56 11.91 -4.03
C LEU A 186 -15.12 11.56 -2.65
N ILE A 187 -14.93 12.45 -1.67
CA ILE A 187 -15.49 12.24 -0.34
C ILE A 187 -17.01 12.07 -0.41
N ASP A 188 -17.68 12.94 -1.16
CA ASP A 188 -19.13 12.86 -1.16
C ASP A 188 -19.64 11.60 -1.87
N ILE A 189 -18.90 11.14 -2.89
CA ILE A 189 -19.14 9.82 -3.49
C ILE A 189 -19.01 8.69 -2.44
N GLY A 190 -18.21 8.94 -1.40
CA GLY A 190 -18.02 7.99 -0.31
C GLY A 190 -16.64 7.44 -0.01
N VAL A 191 -15.60 8.05 -0.55
CA VAL A 191 -14.26 7.55 -0.23
C VAL A 191 -13.93 7.84 1.22
N ALA A 192 -13.16 6.95 1.84
CA ALA A 192 -12.84 7.04 3.26
C ALA A 192 -11.55 7.78 3.54
N GLY A 193 -10.78 8.08 2.51
CA GLY A 193 -9.48 8.69 2.74
C GLY A 193 -8.61 8.72 1.51
N PHE A 194 -7.35 9.14 1.69
CA PHE A 194 -6.45 9.41 0.58
C PHE A 194 -5.01 9.05 0.86
N ARG A 195 -4.36 8.47 -0.16
CA ARG A 195 -2.92 8.49 -0.26
C ARG A 195 -2.54 9.81 -0.92
N LEU A 196 -1.74 10.63 -0.24
CA LEU A 196 -1.31 11.87 -0.89
C LEU A 196 0.03 11.59 -1.56
N ASP A 197 -0.03 11.46 -2.88
CA ASP A 197 1.13 11.15 -3.71
C ASP A 197 2.17 12.26 -3.62
N ALA A 198 3.45 11.89 -3.60
CA ALA A 198 4.55 12.86 -3.63
C ALA A 198 4.44 13.95 -2.56
N SER A 199 4.13 13.55 -1.33
CA SER A 199 3.93 14.52 -0.27
C SER A 199 5.23 15.22 0.10
N LYS A 200 6.36 14.55 -0.08
CA LYS A 200 7.65 15.18 0.23
C LYS A 200 7.87 16.45 -0.61
N HIS A 201 7.22 16.46 -1.77
CA HIS A 201 7.38 17.53 -2.72
C HIS A 201 6.35 18.65 -2.53
N MET A 202 5.58 18.53 -1.46
CA MET A 202 4.65 19.59 -1.09
C MET A 202 5.00 20.12 0.30
N TRP A 203 4.78 21.40 0.53
CA TRP A 203 4.94 21.96 1.87
C TRP A 203 3.86 21.43 2.79
N PRO A 204 4.24 20.98 3.99
CA PRO A 204 3.24 20.56 4.98
C PRO A 204 2.09 21.58 5.13
N GLY A 205 2.41 22.87 5.06
CA GLY A 205 1.40 23.91 5.22
C GLY A 205 0.44 24.04 4.05
N ASP A 206 0.90 23.71 2.84
CA ASP A 206 0.03 23.73 1.68
C ASP A 206 -0.92 22.54 1.74
N ILE A 207 -0.39 21.40 2.18
CA ILE A 207 -1.23 20.22 2.36
C ILE A 207 -2.32 20.54 3.38
N LYS A 208 -1.93 21.14 4.50
CA LYS A 208 -2.90 21.51 5.54
C LYS A 208 -4.00 22.40 4.98
N ALA A 209 -3.60 23.41 4.20
CA ALA A 209 -4.56 24.38 3.67
C ALA A 209 -5.54 23.72 2.70
N ILE A 210 -5.12 22.66 2.03
CA ILE A 210 -6.01 21.89 1.19
C ILE A 210 -6.94 21.03 2.04
N LEU A 211 -6.37 20.33 3.02
CA LEU A 211 -7.17 19.48 3.88
C LEU A 211 -8.21 20.30 4.64
N ASP A 212 -7.89 21.55 4.94
CA ASP A 212 -8.81 22.46 5.65
C ASP A 212 -10.10 22.68 4.87
N LYS A 213 -10.06 22.45 3.56
CA LYS A 213 -11.22 22.73 2.72
C LYS A 213 -12.13 21.51 2.56
N LEU A 214 -11.74 20.38 3.13
CA LEU A 214 -12.44 19.14 2.84
C LEU A 214 -13.69 18.90 3.72
N HIS A 215 -14.68 18.26 3.11
CA HIS A 215 -15.88 17.80 3.81
C HIS A 215 -15.57 16.71 4.83
N ASN A 216 -16.48 16.53 5.77
CA ASN A 216 -16.53 15.29 6.54
C ASN A 216 -17.01 14.16 5.64
N LEU A 217 -16.75 12.92 6.07
CA LEU A 217 -17.10 11.77 5.26
C LEU A 217 -18.61 11.58 5.10
N ASN A 218 -19.01 10.87 4.06
CA ASN A 218 -20.42 10.74 3.71
C ASN A 218 -21.22 10.15 4.88
N SER A 219 -22.26 10.86 5.32
CA SER A 219 -22.93 10.54 6.58
C SER A 219 -23.89 9.35 6.48
N ASN A 220 -24.09 8.80 5.28
CA ASN A 220 -24.78 7.51 5.15
C ASN A 220 -23.94 6.34 5.65
N TRP A 221 -22.64 6.39 5.40
CA TRP A 221 -21.75 5.33 5.85
C TRP A 221 -20.85 5.58 7.07
N PHE A 222 -20.64 6.84 7.42
CA PHE A 222 -19.65 7.17 8.44
C PHE A 222 -20.30 8.04 9.50
N PRO A 223 -19.93 7.84 10.76
CA PRO A 223 -20.48 8.67 11.86
C PRO A 223 -20.22 10.15 11.60
N ALA A 224 -21.12 11.02 12.02
CA ALA A 224 -20.94 12.45 11.77
C ALA A 224 -19.62 12.96 12.33
N GLY A 225 -19.00 13.91 11.65
CA GLY A 225 -17.72 14.46 12.06
C GLY A 225 -16.53 13.57 11.73
N SER A 226 -16.76 12.52 10.94
CA SER A 226 -15.66 11.66 10.49
C SER A 226 -14.79 12.40 9.49
N LYS A 227 -13.47 12.27 9.62
CA LYS A 227 -12.55 12.96 8.72
C LYS A 227 -11.85 11.95 7.83
N PRO A 228 -11.52 12.34 6.60
CA PRO A 228 -10.80 11.42 5.72
C PRO A 228 -9.47 10.97 6.33
N PHE A 229 -9.21 9.66 6.23
CA PHE A 229 -7.90 9.09 6.53
C PHE A 229 -6.89 9.67 5.58
N ILE A 230 -5.80 10.19 6.12
CA ILE A 230 -4.74 10.74 5.29
C ILE A 230 -3.43 9.96 5.50
N TYR A 231 -2.90 9.36 4.43
CA TYR A 231 -1.53 8.89 4.52
C TYR A 231 -0.69 9.51 3.41
N GLN A 232 0.35 10.19 3.84
CA GLN A 232 1.22 10.96 2.97
C GLN A 232 2.41 10.15 2.50
N GLU A 233 2.66 10.14 1.20
CA GLU A 233 3.81 9.38 0.69
C GLU A 233 5.04 10.26 0.79
N VAL A 234 5.88 9.87 1.74
CA VAL A 234 7.17 10.51 1.98
C VAL A 234 8.18 9.39 2.09
N ILE A 235 9.18 9.40 1.23
CA ILE A 235 10.21 8.37 1.30
C ILE A 235 11.35 9.01 2.04
N ASP A 236 11.50 8.63 3.30
CA ASP A 236 12.52 9.24 4.13
C ASP A 236 13.34 8.15 4.81
N LEU A 237 14.56 7.96 4.33
CA LEU A 237 15.41 6.94 4.93
C LEU A 237 16.37 7.58 5.92
N GLY A 238 16.25 8.90 6.09
CA GLY A 238 17.06 9.63 7.05
C GLY A 238 18.12 10.50 6.40
N GLY A 239 18.70 11.41 7.19
CA GLY A 239 19.84 12.18 6.74
C GLY A 239 19.56 13.41 5.88
N GLU A 240 18.30 13.82 5.82
CA GLU A 240 17.91 14.96 4.98
C GLU A 240 17.20 16.03 5.80
N PRO A 241 17.17 17.28 5.30
CA PRO A 241 16.45 18.32 6.03
C PRO A 241 14.95 18.05 6.16
N ILE A 242 14.35 17.40 5.16
CA ILE A 242 12.94 17.03 5.22
C ILE A 242 12.84 15.69 5.95
N LYS A 243 11.99 15.63 6.98
CA LYS A 243 11.73 14.40 7.72
C LYS A 243 10.26 14.00 7.62
N SER A 244 9.95 12.70 7.70
CA SER A 244 8.56 12.23 7.80
C SER A 244 7.75 12.97 8.88
N SER A 245 8.39 13.24 10.01
CA SER A 245 7.70 13.88 11.13
C SER A 245 7.16 15.26 10.76
N ASP A 246 7.72 15.90 9.74
CA ASP A 246 7.23 17.21 9.31
C ASP A 246 5.76 17.18 8.85
N TYR A 247 5.28 15.98 8.52
CA TYR A 247 3.93 15.79 7.96
C TYR A 247 2.91 15.26 8.99
N PHE A 248 3.35 15.01 10.23
CA PHE A 248 2.47 14.40 11.24
C PHE A 248 1.21 15.21 11.56
N GLY A 249 1.25 16.52 11.36
CA GLY A 249 0.08 17.33 11.62
C GLY A 249 -1.06 17.07 10.65
N ASN A 250 -0.73 16.56 9.48
CA ASN A 250 -1.72 16.31 8.43
C ASN A 250 -2.33 14.92 8.40
N GLY A 251 -1.66 13.95 9.03
CA GLY A 251 -2.07 12.56 8.89
C GLY A 251 -0.90 11.61 9.10
N ARG A 252 -1.12 10.36 8.72
CA ARG A 252 -0.06 9.34 8.76
C ARG A 252 0.93 9.53 7.62
N VAL A 253 2.05 8.85 7.73
CA VAL A 253 3.06 8.87 6.68
C VAL A 253 3.43 7.42 6.30
N THR A 254 3.68 7.21 5.00
CA THR A 254 4.32 5.96 4.58
C THR A 254 5.68 5.72 5.22
N GLU A 255 5.87 4.58 5.87
CA GLU A 255 7.17 4.32 6.42
C GLU A 255 7.93 3.40 5.46
N PHE A 256 8.78 4.00 4.64
CA PHE A 256 9.52 3.23 3.64
C PHE A 256 10.73 2.52 4.24
N LYS A 257 11.16 2.90 5.44
CA LYS A 257 12.21 2.17 6.15
C LYS A 257 11.75 0.74 6.46
N TYR A 258 10.45 0.59 6.66
CA TYR A 258 9.88 -0.67 7.12
C TYR A 258 10.20 -1.83 6.16
N GLY A 259 9.80 -1.69 4.90
CA GLY A 259 10.02 -2.74 3.93
C GLY A 259 11.48 -2.89 3.53
N ALA A 260 12.22 -1.78 3.53
CA ALA A 260 13.63 -1.82 3.19
C ALA A 260 14.37 -2.66 4.21
N LYS A 261 14.13 -2.36 5.49
CA LYS A 261 14.81 -3.11 6.54
C LYS A 261 14.33 -4.54 6.63
N LEU A 262 13.04 -4.76 6.49
CA LEU A 262 12.49 -6.10 6.62
C LEU A 262 12.99 -7.00 5.49
N GLY A 263 13.03 -6.44 4.28
CA GLY A 263 13.58 -7.15 3.13
C GLY A 263 15.01 -7.59 3.35
N THR A 264 15.84 -6.70 3.89
CA THR A 264 17.23 -7.01 4.18
C THR A 264 17.35 -8.10 5.23
N VAL A 265 16.52 -8.01 6.27
CA VAL A 265 16.54 -9.00 7.33
C VAL A 265 16.15 -10.39 6.82
N ILE A 266 15.05 -10.48 6.09
CA ILE A 266 14.55 -11.79 5.69
C ILE A 266 15.42 -12.41 4.60
N ARG A 267 16.10 -11.57 3.82
CA ARG A 267 17.08 -12.04 2.83
C ARG A 267 18.38 -12.44 3.51
N LYS A 268 18.55 -12.04 4.77
CA LYS A 268 19.76 -12.27 5.56
C LYS A 268 20.96 -11.61 4.89
N TRP A 269 20.73 -10.38 4.43
CA TRP A 269 21.76 -9.56 3.79
C TRP A 269 22.40 -8.62 4.81
N ASN A 270 23.67 -8.30 4.59
CA ASN A 270 24.33 -7.24 5.36
C ASN A 270 24.43 -7.61 6.83
N GLY A 271 24.51 -8.91 7.10
CA GLY A 271 24.66 -9.43 8.46
C GLY A 271 23.40 -9.40 9.31
N GLU A 272 22.27 -9.04 8.70
CA GLU A 272 21.04 -8.91 9.48
C GLU A 272 20.38 -10.27 9.72
N LYS A 273 19.70 -10.38 10.85
CA LYS A 273 19.09 -11.63 11.28
C LYS A 273 17.70 -11.38 11.85
N MET A 274 16.83 -12.37 11.77
CA MET A 274 15.47 -12.23 12.28
C MET A 274 15.42 -12.03 13.79
N SER A 275 16.43 -12.54 14.51
CA SER A 275 16.44 -12.40 15.96
C SER A 275 16.51 -10.92 16.34
N TYR A 276 17.06 -10.09 15.47
CA TYR A 276 17.15 -8.65 15.71
C TYR A 276 15.77 -7.97 15.70
N LEU A 277 14.76 -8.66 15.17
CA LEU A 277 13.44 -8.08 15.05
C LEU A 277 12.72 -7.95 16.38
N LYS A 278 13.34 -8.38 17.48
CA LYS A 278 12.65 -8.35 18.77
C LYS A 278 12.15 -6.95 19.16
N ASN A 279 12.92 -5.91 18.82
CA ASN A 279 12.56 -4.52 19.09
C ASN A 279 11.99 -3.79 17.86
N TRP A 280 11.55 -4.56 16.87
CA TRP A 280 10.96 -4.02 15.63
C TRP A 280 9.91 -2.94 15.90
N GLY A 281 9.82 -1.96 15.00
CA GLY A 281 9.04 -0.77 15.25
C GLY A 281 9.87 0.45 15.58
N GLU A 282 9.36 1.30 16.47
CA GLU A 282 10.09 2.51 16.83
C GLU A 282 11.52 2.24 17.32
N GLY A 283 11.76 1.07 17.91
CA GLY A 283 13.09 0.70 18.32
C GLY A 283 14.10 0.72 17.19
N TRP A 284 13.62 0.53 15.97
CA TRP A 284 14.46 0.57 14.77
C TRP A 284 14.51 1.98 14.20
N GLY A 285 13.93 2.93 14.92
CA GLY A 285 13.96 4.32 14.52
C GLY A 285 12.90 4.71 13.50
N PHE A 286 11.86 3.89 13.40
CA PHE A 286 10.75 4.23 12.50
C PHE A 286 9.90 5.31 13.15
N VAL A 287 8.91 5.80 12.41
CA VAL A 287 7.99 6.80 12.94
C VAL A 287 7.14 6.16 14.03
N PRO A 288 6.50 7.00 14.88
CA PRO A 288 5.57 6.41 15.84
C PRO A 288 4.55 5.50 15.16
N SER A 289 4.20 4.39 15.82
CA SER A 289 3.30 3.41 15.22
C SER A 289 1.97 4.01 14.79
N ASP A 290 1.48 4.98 15.55
CA ASP A 290 0.18 5.58 15.30
C ASP A 290 0.22 6.56 14.12
N ARG A 291 1.42 6.83 13.61
CA ARG A 291 1.55 7.62 12.38
C ARG A 291 2.02 6.84 11.15
N ALA A 292 2.17 5.52 11.29
CA ALA A 292 2.79 4.70 10.24
C ALA A 292 1.78 3.98 9.36
N LEU A 293 2.00 4.08 8.05
CA LEU A 293 1.38 3.21 7.09
C LEU A 293 2.51 2.30 6.61
N VAL A 294 2.39 1.00 6.83
CA VAL A 294 3.48 0.06 6.56
C VAL A 294 3.10 -0.94 5.49
N PHE A 295 4.13 -1.57 4.92
CA PHE A 295 3.97 -2.43 3.76
C PHE A 295 5.33 -3.02 3.48
N VAL A 296 5.31 -4.17 2.80
CA VAL A 296 6.55 -4.86 2.43
C VAL A 296 7.08 -4.25 1.13
N ASP A 297 6.20 -4.13 0.14
CA ASP A 297 6.56 -3.49 -1.11
C ASP A 297 5.41 -2.56 -1.51
N ASN A 298 5.70 -1.62 -2.41
CA ASN A 298 4.64 -0.85 -3.01
C ASN A 298 4.77 -0.92 -4.54
N HIS A 299 3.89 -0.23 -5.23
CA HIS A 299 3.82 -0.37 -6.67
C HIS A 299 5.11 0.11 -7.38
N ASP A 300 5.78 1.10 -6.81
CA ASP A 300 7.04 1.58 -7.37
C ASP A 300 8.23 0.71 -7.00
N ASN A 301 8.42 0.44 -5.70
CA ASN A 301 9.67 -0.22 -5.33
C ASN A 301 9.65 -1.73 -5.57
N GLN A 302 8.50 -2.30 -5.93
CA GLN A 302 8.51 -3.72 -6.32
C GLN A 302 9.21 -3.91 -7.67
N ARG A 303 9.51 -2.80 -8.36
CA ARG A 303 10.22 -2.85 -9.65
C ARG A 303 11.72 -2.67 -9.47
N GLY A 304 12.16 -2.56 -8.22
CA GLY A 304 13.57 -2.65 -7.89
C GLY A 304 14.33 -1.34 -7.93
N HIS A 305 13.69 -0.28 -8.41
CA HIS A 305 14.36 1.02 -8.55
C HIS A 305 14.07 1.98 -7.41
N GLY A 306 13.32 1.52 -6.42
CA GLY A 306 12.90 2.41 -5.36
C GLY A 306 13.82 2.38 -4.16
N ALA A 307 13.30 2.84 -3.04
CA ALA A 307 14.01 2.70 -1.79
C ALA A 307 13.44 1.52 -1.00
N GLY A 308 14.36 0.80 -0.35
CA GLY A 308 15.70 0.68 -0.89
C GLY A 308 15.89 -0.46 -1.88
N GLY A 309 16.14 -0.14 -3.14
CA GLY A 309 16.75 -1.06 -4.08
C GLY A 309 16.29 -2.51 -4.17
N ALA A 310 17.27 -3.39 -4.28
CA ALA A 310 17.04 -4.81 -4.52
C ALA A 310 16.66 -5.60 -3.28
N SER A 311 16.73 -4.97 -2.11
CA SER A 311 16.37 -5.65 -0.88
C SER A 311 14.86 -5.85 -0.77
N ILE A 312 14.09 -5.04 -1.49
CA ILE A 312 12.63 -5.13 -1.40
C ILE A 312 12.13 -6.51 -1.83
N LEU A 313 11.30 -7.13 -1.00
CA LEU A 313 10.70 -8.42 -1.34
C LEU A 313 9.39 -8.22 -2.07
N THR A 314 9.18 -9.04 -3.11
CA THR A 314 7.96 -8.98 -3.94
C THR A 314 7.41 -10.37 -4.23
N PHE A 315 6.28 -10.42 -4.92
CA PHE A 315 5.70 -11.72 -5.32
C PHE A 315 6.69 -12.58 -6.11
N TRP A 316 7.65 -11.97 -6.80
CA TRP A 316 8.66 -12.73 -7.56
C TRP A 316 9.48 -13.63 -6.65
N ASP A 317 9.59 -13.19 -5.40
CA ASP A 317 10.33 -13.77 -4.28
C ASP A 317 9.40 -14.56 -3.36
N ALA A 318 8.37 -15.16 -3.92
CA ALA A 318 7.17 -15.58 -3.19
C ALA A 318 7.37 -16.23 -1.81
N ARG A 319 8.31 -17.17 -1.69
CA ARG A 319 8.52 -17.83 -0.41
C ARG A 319 8.93 -16.86 0.71
N LEU A 320 9.96 -16.06 0.46
CA LEU A 320 10.39 -15.09 1.46
C LEU A 320 9.38 -13.95 1.59
N TYR A 321 8.69 -13.66 0.50
CA TYR A 321 7.69 -12.59 0.54
C TYR A 321 6.56 -12.93 1.49
N LYS A 322 6.03 -14.15 1.40
CA LYS A 322 4.97 -14.57 2.30
C LYS A 322 5.42 -14.47 3.76
N MET A 323 6.68 -14.78 4.04
CA MET A 323 7.19 -14.70 5.40
C MET A 323 7.24 -13.26 5.90
N ALA A 324 7.78 -12.38 5.08
CA ALA A 324 7.85 -10.96 5.40
C ALA A 324 6.46 -10.34 5.63
N VAL A 325 5.54 -10.62 4.72
CA VAL A 325 4.17 -10.13 4.84
C VAL A 325 3.53 -10.71 6.11
N GLY A 326 3.85 -11.97 6.43
CA GLY A 326 3.29 -12.62 7.60
C GLY A 326 3.80 -12.00 8.88
N PHE A 327 5.10 -11.71 8.91
CA PHE A 327 5.68 -11.03 10.07
C PHE A 327 5.04 -9.66 10.25
N MET A 328 4.90 -8.91 9.16
CA MET A 328 4.27 -7.58 9.21
C MET A 328 2.85 -7.66 9.74
N LEU A 329 2.07 -8.59 9.21
CA LEU A 329 0.68 -8.69 9.63
C LEU A 329 0.50 -9.19 11.06
N ALA A 330 1.46 -9.94 11.57
CA ALA A 330 1.38 -10.40 12.96
C ALA A 330 1.84 -9.33 13.95
N HIS A 331 2.78 -8.48 13.54
CA HIS A 331 3.40 -7.50 14.44
C HIS A 331 2.51 -6.27 14.61
N PRO A 332 2.35 -5.78 15.85
CA PRO A 332 1.42 -4.67 16.09
C PRO A 332 1.81 -3.31 15.49
N TYR A 333 3.07 -3.13 15.10
CA TYR A 333 3.49 -1.82 14.59
C TYR A 333 2.77 -1.42 13.30
N GLY A 334 2.15 -0.23 13.31
CA GLY A 334 1.66 0.41 12.10
C GLY A 334 0.30 -0.04 11.62
N PHE A 335 -0.20 0.67 10.62
CA PHE A 335 -1.41 0.23 9.91
C PHE A 335 -0.99 -0.39 8.57
N THR A 336 -1.47 -1.60 8.31
CA THR A 336 -0.88 -2.43 7.27
C THR A 336 -1.58 -2.33 5.91
N ARG A 337 -0.77 -2.21 4.86
CA ARG A 337 -1.22 -2.28 3.48
C ARG A 337 -0.56 -3.44 2.78
N VAL A 338 -1.42 -4.28 2.18
CA VAL A 338 -1.01 -5.45 1.40
C VAL A 338 -1.00 -5.07 -0.07
N MET A 339 0.06 -5.44 -0.78
CA MET A 339 0.17 -5.16 -2.21
C MET A 339 -0.59 -6.22 -3.02
N SER A 340 -1.21 -5.80 -4.13
CA SER A 340 -1.75 -6.78 -5.07
C SER A 340 -1.35 -6.33 -6.47
N SER A 341 -0.67 -7.22 -7.19
CA SER A 341 0.14 -6.86 -8.35
C SER A 341 -0.33 -7.55 -9.64
N TYR A 342 0.22 -7.07 -10.75
CA TYR A 342 0.16 -7.85 -11.99
C TYR A 342 1.56 -8.31 -12.39
N ARG A 343 1.61 -9.40 -13.15
CA ARG A 343 2.87 -9.87 -13.71
C ARG A 343 3.21 -9.08 -14.99
N TRP A 344 4.51 -8.88 -15.19
CA TRP A 344 5.00 -8.24 -16.39
C TRP A 344 6.27 -8.97 -16.78
N PRO A 345 6.69 -8.85 -18.05
CA PRO A 345 7.89 -9.55 -18.49
C PRO A 345 9.18 -8.90 -17.99
N ARG A 346 9.49 -9.13 -16.72
CA ARG A 346 10.70 -8.59 -16.09
C ARG A 346 11.94 -9.05 -16.85
N GLN A 347 12.75 -8.10 -17.31
CA GLN A 347 13.95 -8.40 -18.08
C GLN A 347 15.13 -7.58 -17.58
N PHE A 348 16.11 -8.25 -16.97
CA PHE A 348 17.20 -7.54 -16.34
C PHE A 348 18.40 -7.40 -17.26
N GLN A 349 18.92 -6.17 -17.32
CA GLN A 349 20.15 -5.87 -18.01
C GLN A 349 20.84 -4.84 -17.15
N ASN A 350 22.13 -5.04 -16.88
CA ASN A 350 22.91 -3.95 -16.31
C ASN A 350 22.38 -3.53 -14.93
N GLY A 351 21.74 -4.50 -14.29
CA GLY A 351 21.13 -4.30 -12.99
C GLY A 351 19.76 -3.64 -13.07
N ASN A 352 19.26 -3.47 -14.28
CA ASN A 352 18.02 -2.72 -14.49
C ASN A 352 16.96 -3.52 -15.24
N ASP A 353 15.71 -3.42 -14.80
CA ASP A 353 14.62 -4.09 -15.49
C ASP A 353 14.10 -3.11 -16.54
N VAL A 354 14.38 -3.44 -17.80
CA VAL A 354 14.07 -2.54 -18.90
C VAL A 354 12.57 -2.50 -19.18
N ASN A 355 11.87 -3.49 -18.66
CA ASN A 355 10.41 -3.56 -18.75
C ASN A 355 9.66 -3.08 -17.51
N ASP A 356 10.37 -2.43 -16.59
CA ASP A 356 9.73 -1.95 -15.36
C ASP A 356 8.63 -0.91 -15.60
N TRP A 357 8.53 -0.41 -16.83
CA TRP A 357 7.48 0.56 -17.19
C TRP A 357 6.14 -0.10 -17.54
N VAL A 358 6.17 -1.39 -17.87
CA VAL A 358 5.02 -2.05 -18.46
C VAL A 358 3.77 -1.88 -17.57
N GLY A 359 2.69 -1.45 -18.21
CA GLY A 359 1.41 -1.23 -17.56
C GLY A 359 0.70 -2.54 -17.30
N PRO A 360 -0.54 -2.46 -16.82
CA PRO A 360 -1.36 -3.62 -16.50
C PRO A 360 -1.65 -4.50 -17.71
N PRO A 361 -2.02 -5.75 -17.48
CA PRO A 361 -2.40 -6.68 -18.56
C PRO A 361 -3.44 -6.00 -19.46
N ASN A 362 -3.24 -6.05 -20.77
CA ASN A 362 -4.07 -5.24 -21.65
C ASN A 362 -4.16 -5.83 -23.03
N ASN A 363 -5.28 -5.55 -23.71
CA ASN A 363 -5.41 -5.81 -25.13
C ASN A 363 -5.38 -4.47 -25.84
N ASN A 364 -4.29 -4.19 -26.52
CA ASN A 364 -4.10 -2.91 -27.20
C ASN A 364 -4.48 -1.70 -26.35
N GLY A 365 -4.11 -1.74 -25.07
CA GLY A 365 -4.34 -0.62 -24.19
C GLY A 365 -5.56 -0.73 -23.28
N VAL A 366 -6.49 -1.62 -23.63
CA VAL A 366 -7.67 -1.86 -22.80
C VAL A 366 -7.30 -2.83 -21.66
N ILE A 367 -7.43 -2.40 -20.40
CA ILE A 367 -7.04 -3.26 -19.28
C ILE A 367 -7.88 -4.54 -19.24
N LYS A 368 -7.24 -5.67 -19.04
CA LYS A 368 -7.95 -6.95 -18.98
C LYS A 368 -8.69 -7.11 -17.67
N GLU A 369 -9.87 -7.72 -17.73
CA GLU A 369 -10.63 -8.05 -16.53
C GLU A 369 -9.84 -9.00 -15.63
N VAL A 370 -10.08 -8.91 -14.33
CA VAL A 370 -9.58 -9.90 -13.40
C VAL A 370 -10.48 -11.15 -13.46
N THR A 371 -9.89 -12.28 -13.84
CA THR A 371 -10.62 -13.53 -13.84
C THR A 371 -10.27 -14.34 -12.60
N ILE A 372 -11.22 -15.11 -12.09
CA ILE A 372 -10.98 -15.93 -10.91
C ILE A 372 -10.92 -17.41 -11.29
N ASN A 373 -9.79 -18.05 -10.95
CA ASN A 373 -9.59 -19.46 -11.21
C ASN A 373 -10.38 -20.31 -10.21
N PRO A 374 -10.63 -21.58 -10.54
CA PRO A 374 -11.37 -22.45 -9.60
C PRO A 374 -10.75 -22.52 -8.21
N ASP A 375 -9.44 -22.38 -8.11
CA ASP A 375 -8.75 -22.45 -6.82
C ASP A 375 -8.69 -21.10 -6.11
N THR A 376 -9.37 -20.10 -6.69
CA THR A 376 -9.56 -18.75 -6.14
C THR A 376 -8.35 -17.83 -6.34
N THR A 377 -7.32 -18.32 -7.03
CA THR A 377 -6.30 -17.40 -7.53
C THR A 377 -6.87 -16.66 -8.74
N CYS A 378 -6.07 -15.77 -9.30
CA CYS A 378 -6.49 -14.96 -10.43
C CYS A 378 -5.82 -15.35 -11.73
N GLY A 379 -6.52 -15.13 -12.82
CA GLY A 379 -5.93 -15.29 -14.14
C GLY A 379 -5.64 -13.95 -14.80
N ASN A 380 -5.40 -14.00 -16.11
CA ASN A 380 -5.06 -12.83 -16.93
C ASN A 380 -3.86 -12.04 -16.42
N ASP A 381 -2.90 -12.74 -15.82
CA ASP A 381 -1.64 -12.19 -15.29
C ASP A 381 -1.80 -11.20 -14.12
N TRP A 382 -2.95 -11.26 -13.46
CA TRP A 382 -3.12 -10.58 -12.18
C TRP A 382 -2.55 -11.53 -11.13
N VAL A 383 -1.66 -11.03 -10.28
CA VAL A 383 -1.01 -11.91 -9.30
C VAL A 383 -1.92 -12.21 -8.10
N CYS A 384 -2.68 -11.20 -7.68
CA CYS A 384 -3.62 -11.35 -6.57
C CYS A 384 -2.99 -11.95 -5.31
N GLU A 385 -1.90 -11.34 -4.86
CA GLU A 385 -1.25 -11.76 -3.63
C GLU A 385 -2.21 -11.78 -2.45
N HIS A 386 -3.18 -10.88 -2.46
CA HIS A 386 -4.11 -10.81 -1.35
C HIS A 386 -5.03 -12.03 -1.27
N ARG A 387 -5.05 -12.84 -2.34
CA ARG A 387 -5.81 -14.10 -2.33
C ARG A 387 -4.96 -15.32 -2.00
N TRP A 388 -3.65 -15.15 -1.89
CA TRP A 388 -2.79 -16.26 -1.47
C TRP A 388 -3.18 -16.64 -0.06
N ARG A 389 -3.42 -17.93 0.18
CA ARG A 389 -3.92 -18.36 1.47
C ARG A 389 -3.06 -17.85 2.62
N GLN A 390 -1.76 -17.89 2.43
CA GLN A 390 -0.81 -17.53 3.48
C GLN A 390 -0.89 -16.04 3.84
N ILE A 391 -1.22 -15.21 2.85
CA ILE A 391 -1.39 -13.79 3.08
C ILE A 391 -2.80 -13.43 3.57
N ARG A 392 -3.82 -13.94 2.89
CA ARG A 392 -5.18 -13.68 3.32
C ARG A 392 -5.43 -14.15 4.76
N ASN A 393 -4.89 -15.30 5.14
CA ASN A 393 -5.13 -15.79 6.49
C ASN A 393 -4.38 -14.95 7.53
N MET A 394 -3.30 -14.29 7.11
CA MET A 394 -2.59 -13.40 8.04
C MET A 394 -3.31 -12.05 8.13
N VAL A 395 -3.99 -11.64 7.06
CA VAL A 395 -4.88 -10.48 7.17
C VAL A 395 -5.95 -10.75 8.25
N ILE A 396 -6.46 -11.98 8.29
CA ILE A 396 -7.49 -12.35 9.25
C ILE A 396 -6.85 -12.46 10.66
N PHE A 397 -5.65 -13.05 10.74
CA PHE A 397 -4.88 -13.09 11.98
C PHE A 397 -4.85 -11.71 12.60
N ARG A 398 -4.50 -10.70 11.80
CA ARG A 398 -4.33 -9.35 12.35
C ARG A 398 -5.65 -8.79 12.90
N ASN A 399 -6.76 -9.10 12.24
CA ASN A 399 -8.07 -8.76 12.77
C ASN A 399 -8.32 -9.42 14.11
N VAL A 400 -8.01 -10.72 14.18
CA VAL A 400 -8.37 -11.54 15.33
C VAL A 400 -7.61 -11.08 16.57
N VAL A 401 -6.36 -10.66 16.38
CA VAL A 401 -5.51 -10.29 17.50
C VAL A 401 -5.49 -8.77 17.76
N ASP A 402 -6.34 -8.02 17.07
CA ASP A 402 -6.34 -6.57 17.15
C ASP A 402 -6.38 -6.11 18.61
N GLY A 403 -5.43 -5.25 18.97
CA GLY A 403 -5.38 -4.68 20.30
C GLY A 403 -4.48 -5.43 21.26
N GLN A 404 -4.20 -6.69 20.98
CA GLN A 404 -3.43 -7.54 21.88
C GLN A 404 -1.95 -7.20 21.88
N PRO A 405 -1.30 -7.27 23.04
CA PRO A 405 0.11 -6.87 23.10
C PRO A 405 1.09 -7.88 22.49
N PHE A 406 2.15 -7.35 21.87
CA PHE A 406 3.32 -8.13 21.50
C PHE A 406 3.86 -8.79 22.76
N THR A 407 4.01 -10.12 22.74
CA THR A 407 4.41 -10.85 23.94
C THR A 407 4.97 -12.22 23.59
N ASN A 408 5.61 -12.87 24.56
CA ASN A 408 6.12 -14.23 24.42
C ASN A 408 7.09 -14.38 23.25
N TRP A 409 7.98 -13.40 23.10
CA TRP A 409 9.03 -13.47 22.11
C TRP A 409 10.02 -14.58 22.42
N TYR A 410 10.42 -15.29 21.36
CA TYR A 410 11.53 -16.22 21.42
C TYR A 410 12.47 -15.96 20.25
N ASP A 411 13.77 -16.10 20.47
CA ASP A 411 14.68 -16.25 19.34
C ASP A 411 15.85 -17.15 19.72
N ASN A 412 16.46 -17.74 18.71
CA ASN A 412 17.59 -18.66 18.87
C ASN A 412 18.93 -17.95 18.70
N GLY A 413 18.88 -16.63 18.61
CA GLY A 413 20.08 -15.86 18.41
C GLY A 413 20.45 -15.80 16.95
N SER A 414 19.72 -16.52 16.10
CA SER A 414 19.99 -16.35 14.69
C SER A 414 18.76 -15.95 13.86
N ASN A 415 18.12 -16.93 13.20
CA ASN A 415 16.92 -16.68 12.38
C ASN A 415 15.65 -17.44 12.72
N GLN A 416 15.62 -18.11 13.87
CA GLN A 416 14.40 -18.75 14.33
C GLN A 416 13.78 -17.94 15.46
N VAL A 417 12.60 -17.40 15.19
CA VAL A 417 11.92 -16.53 16.14
C VAL A 417 10.44 -16.87 16.23
N ALA A 418 9.81 -16.42 17.31
CA ALA A 418 8.39 -16.60 17.51
C ALA A 418 7.84 -15.52 18.42
N PHE A 419 6.58 -15.18 18.28
CA PHE A 419 5.93 -14.32 19.26
C PHE A 419 4.42 -14.44 19.24
N GLY A 420 3.81 -14.00 20.32
CA GLY A 420 2.37 -13.98 20.46
C GLY A 420 1.76 -12.59 20.39
N ARG A 421 0.44 -12.57 20.25
CA ARG A 421 -0.30 -11.35 20.46
C ARG A 421 -1.31 -11.63 21.56
N GLY A 422 -1.04 -11.11 22.75
CA GLY A 422 -1.89 -11.42 23.89
C GLY A 422 -2.17 -12.91 24.04
N ASN A 423 -3.41 -13.24 24.34
CA ASN A 423 -3.88 -14.61 24.38
C ASN A 423 -4.60 -15.03 23.08
N ARG A 424 -4.54 -14.17 22.07
CA ARG A 424 -5.27 -14.41 20.82
C ARG A 424 -4.52 -14.99 19.60
N GLY A 425 -3.20 -14.99 19.60
CA GLY A 425 -2.47 -15.50 18.44
C GLY A 425 -1.01 -15.73 18.69
N PHE A 426 -0.41 -16.61 17.89
CA PHE A 426 1.00 -16.95 18.03
C PHE A 426 1.57 -17.30 16.66
N ILE A 427 2.80 -16.90 16.39
CA ILE A 427 3.41 -17.14 15.09
C ILE A 427 4.88 -17.52 15.26
N VAL A 428 5.35 -18.44 14.42
CA VAL A 428 6.67 -19.07 14.53
C VAL A 428 7.36 -19.03 13.17
N PHE A 429 8.61 -18.58 13.12
CA PHE A 429 9.37 -18.47 11.87
C PHE A 429 10.66 -19.26 11.94
N ASN A 430 10.96 -20.06 10.90
CA ASN A 430 12.32 -20.57 10.74
C ASN A 430 12.95 -20.06 9.45
N ASN A 431 13.84 -19.08 9.55
CA ASN A 431 14.64 -18.65 8.42
C ASN A 431 16.11 -19.09 8.48
N ASP A 432 16.43 -20.01 9.39
CA ASP A 432 17.80 -20.56 9.40
C ASP A 432 17.94 -21.76 8.46
N ASP A 433 19.18 -22.22 8.32
CA ASP A 433 19.53 -23.27 7.36
C ASP A 433 19.46 -24.66 7.99
N TRP A 434 18.87 -24.73 9.18
CA TRP A 434 18.61 -26.00 9.84
C TRP A 434 17.18 -26.03 10.36
N SER A 435 16.72 -27.20 10.78
CA SER A 435 15.35 -27.37 11.22
C SER A 435 15.06 -26.69 12.54
N PHE A 436 13.81 -26.34 12.73
CA PHE A 436 13.33 -25.81 13.99
C PHE A 436 12.38 -26.82 14.62
N SER A 437 12.80 -27.42 15.71
CA SER A 437 11.90 -28.25 16.50
C SER A 437 12.05 -27.87 17.96
N LEU A 438 11.02 -27.25 18.51
CA LEU A 438 11.08 -26.76 19.88
C LEU A 438 9.68 -26.59 20.45
N THR A 439 9.55 -26.72 21.77
CA THR A 439 8.31 -26.42 22.45
C THR A 439 8.35 -24.98 22.96
N LEU A 440 7.32 -24.21 22.66
CA LEU A 440 7.28 -22.79 23.01
C LEU A 440 6.02 -22.44 23.79
N GLN A 441 6.12 -21.40 24.62
CA GLN A 441 4.95 -20.86 25.27
C GLN A 441 4.18 -19.97 24.29
N THR A 442 2.95 -20.35 23.96
CA THR A 442 2.16 -19.64 22.96
C THR A 442 1.26 -18.56 23.56
N GLY A 443 1.07 -18.59 24.88
CA GLY A 443 0.13 -17.69 25.52
C GLY A 443 -1.34 -17.98 25.24
N LEU A 444 -1.60 -19.02 24.46
CA LEU A 444 -2.97 -19.38 24.07
C LEU A 444 -3.67 -20.39 24.99
N PRO A 445 -5.02 -20.36 25.03
CA PRO A 445 -5.81 -21.39 25.73
C PRO A 445 -5.54 -22.78 25.16
N ALA A 446 -5.59 -23.81 26.00
CA ALA A 446 -5.38 -25.18 25.53
C ALA A 446 -6.37 -25.56 24.43
N GLY A 447 -5.89 -26.34 23.47
CA GLY A 447 -6.75 -26.82 22.40
C GLY A 447 -5.97 -27.24 21.17
N THR A 448 -6.73 -27.62 20.15
CA THR A 448 -6.16 -27.96 18.85
C THR A 448 -6.39 -26.80 17.89
N TYR A 449 -5.31 -26.32 17.30
CA TYR A 449 -5.35 -25.13 16.46
C TYR A 449 -4.94 -25.44 15.03
N CYS A 450 -5.72 -24.97 14.07
CA CYS A 450 -5.31 -25.06 12.68
C CYS A 450 -4.21 -24.07 12.40
N ASP A 451 -3.12 -24.54 11.80
CA ASP A 451 -2.12 -23.63 11.23
C ASP A 451 -2.73 -22.98 9.99
N VAL A 452 -2.82 -21.65 10.00
CA VAL A 452 -3.53 -20.96 8.92
C VAL A 452 -2.59 -20.61 7.77
N ILE A 453 -1.31 -20.93 7.92
CA ILE A 453 -0.37 -20.80 6.83
C ILE A 453 -0.46 -22.02 5.88
N SER A 454 -0.42 -23.23 6.43
CA SER A 454 -0.46 -24.43 5.60
C SER A 454 -1.88 -24.79 5.15
N GLY A 455 -2.89 -24.24 5.82
CA GLY A 455 -4.26 -24.66 5.60
C GLY A 455 -5.27 -23.70 6.19
N ASP A 456 -6.50 -24.18 6.32
CA ASP A 456 -7.65 -23.45 6.83
C ASP A 456 -8.43 -24.28 7.85
N LYS A 457 -9.15 -23.60 8.74
CA LYS A 457 -10.18 -24.25 9.54
C LYS A 457 -11.50 -24.23 8.75
N ILE A 458 -12.07 -25.40 8.52
CA ILE A 458 -13.36 -25.55 7.85
C ILE A 458 -14.19 -26.57 8.61
N ASN A 459 -15.39 -26.23 9.09
CA ASN A 459 -16.31 -27.31 9.46
C ASN A 459 -15.74 -28.31 10.49
N GLY A 460 -15.21 -27.80 11.61
CA GLY A 460 -14.60 -28.63 12.63
C GLY A 460 -13.34 -29.39 12.21
N ASN A 461 -12.76 -29.01 11.08
CA ASN A 461 -11.55 -29.66 10.57
C ASN A 461 -10.46 -28.65 10.22
N CYS A 462 -9.22 -29.14 10.12
CA CYS A 462 -8.11 -28.39 9.55
C CYS A 462 -7.70 -29.02 8.22
N THR A 463 -7.42 -28.21 7.21
CA THR A 463 -6.95 -28.77 5.94
C THR A 463 -5.42 -28.83 5.86
N GLY A 464 -4.77 -28.18 6.81
CA GLY A 464 -3.33 -28.18 6.94
C GLY A 464 -2.82 -28.86 8.20
N ILE A 465 -1.69 -28.35 8.68
CA ILE A 465 -1.09 -28.71 9.95
C ILE A 465 -1.97 -28.36 11.16
N LYS A 466 -1.97 -29.25 12.15
CA LYS A 466 -2.60 -29.03 13.45
C LYS A 466 -1.55 -28.83 14.53
N ILE A 467 -1.76 -27.82 15.38
CA ILE A 467 -0.89 -27.52 16.52
C ILE A 467 -1.66 -27.79 17.80
N TYR A 468 -1.00 -28.41 18.76
CA TYR A 468 -1.67 -28.84 19.99
C TYR A 468 -1.11 -28.08 21.19
N VAL A 469 -1.94 -27.19 21.74
CA VAL A 469 -1.56 -26.36 22.86
C VAL A 469 -2.04 -27.03 24.14
N SER A 470 -1.11 -27.28 25.05
CA SER A 470 -1.45 -27.93 26.31
C SER A 470 -2.08 -26.91 27.26
N ASP A 471 -2.42 -27.34 28.47
CA ASP A 471 -3.13 -26.45 29.38
C ASP A 471 -2.23 -25.38 29.97
N ASP A 472 -0.92 -25.53 29.83
CA ASP A 472 0.02 -24.51 30.29
C ASP A 472 0.41 -23.54 29.18
N GLY A 473 -0.21 -23.70 28.00
CA GLY A 473 0.01 -22.78 26.90
C GLY A 473 1.15 -23.16 25.98
N LYS A 474 1.77 -24.30 26.25
CA LYS A 474 2.92 -24.72 25.47
C LYS A 474 2.50 -25.61 24.30
N ALA A 475 3.20 -25.45 23.18
CA ALA A 475 2.96 -26.26 21.98
C ALA A 475 4.29 -26.57 21.31
N HIS A 476 4.39 -27.77 20.74
CA HIS A 476 5.57 -28.12 19.99
C HIS A 476 5.44 -27.64 18.56
N PHE A 477 6.51 -27.07 18.02
CA PHE A 477 6.52 -26.65 16.63
C PHE A 477 7.67 -27.32 15.88
N SER A 478 7.35 -27.87 14.72
CA SER A 478 8.34 -28.49 13.86
C SER A 478 8.32 -27.82 12.49
N ILE A 479 9.42 -27.17 12.12
CA ILE A 479 9.51 -26.53 10.82
C ILE A 479 10.85 -26.82 10.16
N SER A 480 10.84 -27.57 9.06
CA SER A 480 12.06 -27.83 8.33
C SER A 480 12.57 -26.56 7.64
N ASN A 481 13.87 -26.43 7.50
CA ASN A 481 14.41 -25.30 6.75
C ASN A 481 14.11 -25.41 5.26
N SER A 482 13.72 -26.61 4.82
CA SER A 482 13.34 -26.80 3.42
C SER A 482 11.83 -26.67 3.19
N ALA A 483 11.08 -26.30 4.24
CA ALA A 483 9.62 -26.15 4.13
C ALA A 483 9.19 -25.16 3.05
N GLU A 484 8.09 -25.49 2.36
CA GLU A 484 7.52 -24.59 1.36
C GLU A 484 7.25 -23.23 1.98
N ASP A 485 6.53 -23.23 3.09
CA ASP A 485 6.37 -22.03 3.91
C ASP A 485 6.96 -22.27 5.28
N PRO A 486 8.13 -21.69 5.56
CA PRO A 486 8.77 -22.02 6.84
C PRO A 486 8.27 -21.16 8.00
N PHE A 487 6.96 -21.01 8.12
CA PHE A 487 6.38 -20.35 9.28
C PHE A 487 4.97 -20.89 9.51
N ILE A 488 4.53 -20.76 10.75
CA ILE A 488 3.30 -21.35 11.25
C ILE A 488 2.59 -20.27 12.06
N ALA A 489 1.27 -20.15 11.90
CA ALA A 489 0.50 -19.16 12.64
C ALA A 489 -0.80 -19.77 13.11
N ILE A 490 -1.14 -19.51 14.37
CA ILE A 490 -2.39 -20.01 14.92
C ILE A 490 -3.06 -18.88 15.70
N HIS A 491 -4.38 -18.91 15.80
CA HIS A 491 -5.07 -17.85 16.53
C HIS A 491 -6.43 -18.31 17.07
N ALA A 492 -7.08 -17.44 17.84
CA ALA A 492 -8.30 -17.83 18.57
C ALA A 492 -9.39 -18.36 17.66
N GLU A 493 -9.43 -17.85 16.44
CA GLU A 493 -10.45 -18.27 15.52
C GLU A 493 -10.03 -19.44 14.62
N SER A 494 -8.81 -19.94 14.79
CA SER A 494 -8.42 -21.17 14.09
C SER A 494 -8.50 -22.38 15.03
N LYS A 495 -8.96 -22.16 16.26
CA LYS A 495 -9.10 -23.24 17.24
C LYS A 495 -10.30 -24.11 16.92
N LEU A 496 -10.13 -25.42 17.00
CA LEU A 496 -11.23 -26.36 16.77
C LEU A 496 -12.20 -26.39 17.96
CA CA B . 5.94 20.77 -5.43
CL CL C . 3.04 4.38 -1.22
C1 3L9 D . 4.97 10.79 -10.69
C2 3L9 D . 6.25 10.48 -10.95
C3 3L9 D . 7.16 10.22 -10.01
C4 3L9 D . 6.74 10.31 -8.66
C2F 3L9 D . 7.10 6.84 -7.93
C3F 3L9 D . 6.23 7.13 -6.87
O3F 3L9 D . 6.77 7.11 -5.66
C4F 3L9 D . 4.93 7.46 -7.12
O4F 3L9 D . 4.13 7.74 -6.12
C5F 3L9 D . 4.50 7.43 -8.37
C6F 3L9 D . 5.33 7.14 -9.41
C1F 3L9 D . 6.67 6.81 -9.24
C7F 3L9 D . 7.59 6.45 -10.40
C8F 3L9 D . 7.45 6.93 -11.68
C9F 3L9 D . 8.50 6.35 -12.63
O9F 3L9 D . 9.34 5.63 -12.28
O6D 3L9 D . 8.39 6.94 -13.84
C6D 3L9 D . 9.45 6.60 -14.78
C5D 3L9 D . 10.64 7.55 -14.70
O5D 3L9 D . 11.27 7.70 -13.45
C4D 3L9 D . 11.64 7.24 -15.81
O4D 3L9 D . 10.97 7.25 -17.02
C3D 3L9 D . 12.73 8.34 -15.80
O3D 3L9 D . 13.76 7.88 -16.63
C2D 3L9 D . 13.45 8.50 -14.38
O2D 3L9 D . 14.17 9.67 -14.37
C1E 3L9 D . 15.48 9.71 -14.30
O5E 3L9 D . 15.87 9.60 -12.95
C5E 3L9 D . 17.25 9.57 -12.73
C6E 3L9 D . 17.50 9.20 -11.28
O6E 3L9 D . 17.35 7.83 -11.10
C4E 3L9 D . 17.90 10.84 -13.17
O4E 3L9 D . 19.20 10.71 -13.10
C3E 3L9 D . 17.50 11.09 -14.67
O3E 3L9 D . 17.90 12.34 -15.11
C2E 3L9 D . 15.97 11.08 -14.77
O2E 3L9 D . 15.48 11.43 -15.99
C1D 3L9 D . 12.39 8.51 -13.23
O2C 3L9 D . 12.84 8.61 -11.99
C2C 3L9 D . 12.37 9.57 -11.12
C3C 3L9 D . 13.36 10.56 -10.45
O3C 3L9 D . 14.03 11.23 -11.36
C4C 3L9 D . 14.27 9.83 -9.46
O4C 3L9 D . 15.00 10.81 -8.80
C5C 3L9 D . 13.36 9.00 -8.49
C6C 3L9 D . 14.11 8.07 -7.57
O5C 3L9 D . 12.38 8.29 -9.18
C1C 3L9 D . 11.57 8.95 -10.02
O27 3L9 D . 10.82 9.92 -9.33
C10 3L9 D . 9.47 9.64 -9.15
C9 3L9 D . 8.54 9.94 -10.21
O13 3L9 D . 9.02 9.83 -11.39
O30 3L9 D . 6.65 10.36 -12.22
C6 3L9 D . 4.53 10.85 -9.36
O29 3L9 D . 3.30 11.13 -9.11
C5 3L9 D . 5.44 10.62 -8.34
O12 3L9 D . 7.61 10.06 -7.69
C11 3L9 D . 8.96 10.02 -7.81
C14 3L9 D . 9.77 9.81 -6.62
C15 3L9 D . 10.54 8.72 -6.33
C16 3L9 D . 11.31 8.58 -5.14
O25 3L9 D . 11.96 7.48 -5.00
C19 3L9 D . 9.83 10.81 -5.66
C18 3L9 D . 10.58 10.73 -4.50
O23 3L9 D . 10.59 11.67 -3.60
C17 3L9 D . 11.35 9.59 -4.19
O24 3L9 D . 12.01 9.50 -3.14
C1A 3L9 D . 13.14 10.27 -3.06
C2A 3L9 D . 13.59 10.27 -1.59
O2A 3L9 D . 12.68 10.98 -0.89
C3A 3L9 D . 14.88 11.03 -1.45
O3A 3L9 D . 15.39 10.80 -0.20
O5A 3L9 D . 14.14 9.71 -3.85
C5A 3L9 D . 15.37 10.40 -3.79
C4A 3L9 D . 15.95 10.42 -2.41
O4A 3L9 D . 17.11 11.12 -2.45
C1B 3L9 D . 18.35 10.61 -2.87
O5B 3L9 D . 18.73 9.71 -2.14
C5B 3L9 D . 18.98 9.94 -0.78
C6B 3L9 D . 19.46 8.66 -0.13
C4B 3L9 D . 19.93 11.15 -0.54
O4B 3L9 D . 19.84 11.49 0.73
C3B 3L9 D . 19.54 12.31 -1.50
O3B 3L9 D . 20.49 13.29 -1.54
C2B 3L9 D . 19.32 11.79 -2.92
O2B 3L9 D . 20.44 11.41 -3.47
#